data_2VOA
#
_entry.id   2VOA
#
_cell.length_a   67.786
_cell.length_b   60.817
_cell.length_c   72.349
_cell.angle_alpha   90.00
_cell.angle_beta   91.22
_cell.angle_gamma   90.00
#
_symmetry.space_group_name_H-M   'P 1 21 1'
#
loop_
_entity.id
_entity.type
_entity.pdbx_description
1 polymer 'EXODEOXYRIBONUCLEASE III'
2 polymer "5'-D(*GP*CP*GP*GP*TP*AP*GP*CP*CP*GP)-3'"
3 polymer "5'-D(*CP*GP*GP*CP*TP*AP*CP*CP*GP*CP)-3'"
4 water water
#
loop_
_entity_poly.entity_id
_entity_poly.type
_entity_poly.pdbx_seq_one_letter_code
_entity_poly.pdbx_strand_id
1 'polypeptide(L)'
;MLKIATFNVNSIRSRLHIVIPWLKENKPDILCMQETKVENRKFPEADFHRIGYHVVFSGSKGRNGVAIASLEEPEDVSFG
LDSEPKDEDRLIRAKIAGIDVINTYVPQGFKIDSEKYQYKLQWLERLYHYLQKTVDFRSFAVWCGDMNVAPEPIDVHSPD
KLKNHV(OCS)FHEDARRAYKKILELGFVDVLRKIHPNERIYTFYDYRVKGAIERGLGWRGDAILATPPLAERCVDCYAD
IKPRLAEKPSDHLPLVAVFDV
;
A,B
2 'polydeoxyribonucleotide' (DG)(DC)(DG)(DG)(DT)(DA)(DG)(DC)(DC)(DG) C
3 'polydeoxyribonucleotide' (DC)(DG)(DG)(DC)(DT)(DA)(DC)(DC)(DG)(DC) D
#
# COMPACT_ATOMS: atom_id res chain seq x y z
N MET A 1 0.73 37.80 7.11
CA MET A 1 0.98 37.13 5.79
C MET A 1 -0.10 36.12 5.47
N LEU A 2 -0.28 35.89 4.19
CA LEU A 2 -1.28 34.95 3.68
C LEU A 2 -0.56 33.91 2.83
N LYS A 3 -0.81 32.64 3.12
CA LYS A 3 -0.14 31.55 2.42
C LYS A 3 -1.15 30.67 1.70
N ILE A 4 -0.96 30.52 0.39
CA ILE A 4 -1.88 29.72 -0.45
C ILE A 4 -1.08 28.67 -1.20
N ALA A 5 -1.54 27.43 -1.16
CA ALA A 5 -0.81 26.36 -1.83
C ALA A 5 -1.72 25.55 -2.74
N THR A 6 -1.10 24.85 -3.69
CA THR A 6 -1.82 23.92 -4.56
C THR A 6 -1.05 22.59 -4.64
N PHE A 7 -1.79 21.48 -4.69
CA PHE A 7 -1.15 20.15 -4.60
C PHE A 7 -2.01 19.08 -5.25
N ASN A 8 -1.50 18.48 -6.34
CA ASN A 8 -2.12 17.29 -6.93
C ASN A 8 -1.69 16.10 -6.07
N VAL A 9 -2.65 15.50 -5.38
CA VAL A 9 -2.34 14.50 -4.34
C VAL A 9 -2.31 13.04 -4.83
N ASN A 10 -2.73 12.81 -6.08
CA ASN A 10 -2.85 11.45 -6.63
C ASN A 10 -3.56 10.47 -5.67
N SER A 11 -4.82 10.78 -5.37
CA SER A 11 -5.72 10.03 -4.46
C SER A 11 -5.54 10.46 -3.00
N ILE A 12 -6.49 11.25 -2.51
CA ILE A 12 -6.37 11.79 -1.16
C ILE A 12 -6.33 10.66 -0.12
N ARG A 13 -7.13 9.61 -0.33
CA ARG A 13 -7.18 8.50 0.64
C ARG A 13 -5.87 7.73 0.72
N SER A 14 -5.06 7.83 -0.34
CA SER A 14 -3.72 7.22 -0.38
C SER A 14 -2.59 8.22 -0.08
N ARG A 15 -2.93 9.45 0.32
CA ARG A 15 -1.92 10.52 0.53
C ARG A 15 -2.08 11.31 1.83
N LEU A 16 -2.97 10.87 2.72
CA LEU A 16 -3.15 11.55 4.01
C LEU A 16 -1.86 11.55 4.84
N HIS A 17 -1.06 10.51 4.68
CA HIS A 17 0.20 10.42 5.42
C HIS A 17 1.19 11.51 4.99
N ILE A 18 0.93 12.14 3.84
CA ILE A 18 1.70 13.28 3.35
C ILE A 18 0.97 14.58 3.70
N VAL A 19 -0.30 14.66 3.30
CA VAL A 19 -1.02 15.95 3.30
C VAL A 19 -1.21 16.46 4.73
N ILE A 20 -1.65 15.57 5.62
CA ILE A 20 -1.95 15.99 6.99
C ILE A 20 -0.68 16.52 7.73
N PRO A 21 0.42 15.74 7.76
CA PRO A 21 1.66 16.30 8.35
C PRO A 21 2.17 17.56 7.62
N TRP A 22 1.96 17.62 6.30
CA TRP A 22 2.42 18.78 5.55
C TRP A 22 1.62 20.04 6.00
N LEU A 23 0.32 19.89 6.20
CA LEU A 23 -0.52 21.00 6.71
C LEU A 23 -0.09 21.42 8.12
N LYS A 24 0.19 20.43 8.97
CA LYS A 24 0.65 20.74 10.33
C LYS A 24 1.96 21.54 10.33
N GLU A 25 2.87 21.22 9.39
CA GLU A 25 4.19 21.83 9.33
C GLU A 25 4.13 23.23 8.72
N ASN A 26 3.41 23.33 7.62
CA ASN A 26 3.42 24.52 6.76
C ASN A 26 2.31 25.51 7.06
N LYS A 27 1.22 25.00 7.62
CA LYS A 27 0.10 25.82 8.10
C LYS A 27 -0.37 26.87 7.08
N PRO A 28 -0.65 26.43 5.84
CA PRO A 28 -1.14 27.41 4.85
C PRO A 28 -2.52 27.87 5.24
N ASP A 29 -2.89 29.09 4.83
CA ASP A 29 -4.27 29.53 4.95
C ASP A 29 -5.26 28.77 4.08
N ILE A 30 -4.81 28.42 2.87
CA ILE A 30 -5.66 27.76 1.87
C ILE A 30 -4.78 26.72 1.18
N LEU A 31 -5.27 25.47 1.07
CA LEU A 31 -4.60 24.44 0.23
C LEU A 31 -5.61 23.89 -0.76
N CYS A 32 -5.36 24.16 -2.05
CA CYS A 32 -6.14 23.56 -3.15
C CYS A 32 -5.58 22.20 -3.50
N MET A 33 -6.44 21.20 -3.67
CA MET A 33 -5.96 19.88 -4.03
C MET A 33 -6.64 19.39 -5.30
N GLN A 34 -5.91 18.63 -6.12
CA GLN A 34 -6.48 18.00 -7.31
C GLN A 34 -6.20 16.50 -7.33
N GLU A 35 -6.95 15.80 -8.19
CA GLU A 35 -6.91 14.34 -8.26
C GLU A 35 -7.07 13.67 -6.89
N THR A 36 -8.07 14.13 -6.15
CA THR A 36 -8.48 13.49 -4.89
C THR A 36 -9.00 12.07 -5.11
N LYS A 37 -9.57 11.83 -6.28
CA LYS A 37 -10.00 10.49 -6.71
C LYS A 37 -10.91 9.81 -5.68
N VAL A 38 -11.95 10.54 -5.28
CA VAL A 38 -12.88 10.00 -4.28
C VAL A 38 -14.27 10.61 -4.43
N GLU A 39 -15.30 9.80 -4.25
CA GLU A 39 -16.65 10.33 -4.24
C GLU A 39 -16.85 11.13 -2.95
N ASN A 40 -17.67 12.18 -3.03
CA ASN A 40 -17.92 13.06 -1.87
C ASN A 40 -18.23 12.31 -0.56
N ARG A 41 -19.11 11.32 -0.61
CA ARG A 41 -19.50 10.58 0.60
C ARG A 41 -18.37 9.77 1.27
N LYS A 42 -17.25 9.61 0.56
CA LYS A 42 -16.07 8.91 1.09
C LYS A 42 -14.85 9.85 1.27
N PHE A 43 -15.06 11.14 1.06
CA PHE A 43 -13.93 12.06 1.26
C PHE A 43 -13.55 12.04 2.75
N PRO A 44 -12.25 11.90 3.06
CA PRO A 44 -11.80 11.83 4.46
C PRO A 44 -11.78 13.22 5.19
N GLU A 45 -12.95 13.81 5.41
CA GLU A 45 -12.99 15.17 5.98
C GLU A 45 -12.54 15.27 7.43
N ALA A 46 -12.78 14.21 8.20
CA ALA A 46 -12.45 14.16 9.62
C ALA A 46 -10.94 14.36 9.84
N ASP A 47 -10.12 13.82 8.93
CA ASP A 47 -8.67 13.91 9.02
C ASP A 47 -8.21 15.38 8.97
N PHE A 48 -8.96 16.20 8.24
CA PHE A 48 -8.66 17.64 8.15
C PHE A 48 -9.19 18.39 9.36
N HIS A 49 -10.42 18.08 9.76
CA HIS A 49 -11.00 18.70 10.95
C HIS A 49 -10.10 18.53 12.18
N ARG A 50 -9.55 17.32 12.32
CA ARG A 50 -8.75 16.99 13.52
C ARG A 50 -7.47 17.82 13.66
N ILE A 51 -7.00 18.41 12.55
CA ILE A 51 -5.85 19.32 12.60
C ILE A 51 -6.28 20.78 12.36
N GLY A 52 -7.59 21.04 12.46
CA GLY A 52 -8.10 22.41 12.49
C GLY A 52 -8.33 23.01 11.10
N TYR A 53 -8.54 22.15 10.11
CA TYR A 53 -8.85 22.61 8.75
C TYR A 53 -10.29 22.31 8.34
N HIS A 54 -10.96 23.32 7.80
CA HIS A 54 -12.17 23.11 7.02
C HIS A 54 -11.74 22.48 5.71
N VAL A 55 -12.64 21.70 5.12
CA VAL A 55 -12.37 21.17 3.79
C VAL A 55 -13.68 21.07 3.01
N VAL A 56 -13.66 21.63 1.81
CA VAL A 56 -14.77 21.46 0.85
C VAL A 56 -14.30 20.62 -0.36
N PHE A 57 -15.22 19.88 -0.97
CA PHE A 57 -14.78 18.87 -1.94
C PHE A 57 -15.83 18.53 -2.97
N SER A 58 -15.34 18.17 -4.17
CA SER A 58 -16.22 17.81 -5.27
C SER A 58 -15.50 16.75 -6.07
N GLY A 59 -16.07 15.55 -6.10
CA GLY A 59 -15.46 14.46 -6.82
C GLY A 59 -16.42 13.31 -7.02
N SER A 60 -16.12 12.47 -7.99
CA SER A 60 -16.84 11.22 -8.15
C SER A 60 -15.90 10.02 -8.00
N LYS A 61 -16.48 8.82 -8.08
CA LYS A 61 -15.70 7.62 -7.88
C LYS A 61 -14.48 7.50 -8.78
N GLY A 62 -13.33 7.27 -8.16
CA GLY A 62 -12.16 6.78 -8.87
C GLY A 62 -11.23 7.71 -9.61
N ARG A 63 -11.70 8.89 -10.01
CA ARG A 63 -10.93 9.73 -10.94
C ARG A 63 -11.22 11.20 -10.71
N ASN A 64 -10.34 12.06 -11.23
CA ASN A 64 -10.48 13.50 -11.07
C ASN A 64 -10.65 13.85 -9.61
N GLY A 65 -11.47 14.87 -9.29
CA GLY A 65 -11.78 15.22 -7.89
C GLY A 65 -10.90 16.40 -7.44
N VAL A 66 -11.54 17.39 -6.83
CA VAL A 66 -10.85 18.60 -6.36
C VAL A 66 -11.36 18.93 -4.94
N ALA A 67 -10.55 19.60 -4.16
CA ALA A 67 -10.93 19.96 -2.77
C ALA A 67 -10.16 21.22 -2.41
N ILE A 68 -10.67 21.97 -1.42
CA ILE A 68 -9.90 23.08 -0.85
C ILE A 68 -9.99 22.95 0.68
N ALA A 69 -8.81 22.89 1.31
CA ALA A 69 -8.70 22.94 2.79
C ALA A 69 -8.32 24.36 3.22
N SER A 70 -8.89 24.82 4.34
CA SER A 70 -8.62 26.18 4.80
C SER A 70 -8.82 26.37 6.29
N LEU A 71 -8.14 27.36 6.83
CA LEU A 71 -8.29 27.69 8.25
C LEU A 71 -9.64 28.38 8.49
N GLU A 72 -10.03 29.23 7.56
CA GLU A 72 -11.31 29.94 7.67
C GLU A 72 -12.41 29.16 6.93
N GLU A 73 -13.65 29.29 7.41
CA GLU A 73 -14.77 28.58 6.78
C GLU A 73 -15.09 29.10 5.38
N PRO A 74 -14.99 28.22 4.37
CA PRO A 74 -15.36 28.62 3.01
C PRO A 74 -16.83 29.04 2.89
N GLU A 75 -17.08 30.08 2.10
CA GLU A 75 -18.43 30.54 1.78
C GLU A 75 -18.66 30.51 0.29
N ASP A 76 -19.94 30.58 -0.11
CA ASP A 76 -20.31 30.73 -1.51
C ASP A 76 -19.64 29.66 -2.39
N VAL A 77 -19.74 28.41 -1.94
CA VAL A 77 -19.03 27.31 -2.61
C VAL A 77 -19.81 26.90 -3.86
N SER A 78 -19.09 26.77 -4.98
CA SER A 78 -19.70 26.27 -6.22
C SER A 78 -18.81 25.23 -6.89
N PHE A 79 -19.42 24.40 -7.73
CA PHE A 79 -18.72 23.29 -8.40
C PHE A 79 -18.92 23.35 -9.91
N GLY A 80 -17.85 23.09 -10.64
CA GLY A 80 -17.91 22.93 -12.08
C GLY A 80 -17.95 24.25 -12.87
N LEU A 81 -17.80 24.13 -14.18
CA LEU A 81 -18.04 25.24 -15.10
C LEU A 81 -19.54 25.56 -15.14
N ASP A 82 -19.89 26.73 -15.65
CA ASP A 82 -21.30 27.14 -15.73
C ASP A 82 -22.00 26.76 -17.05
N SER A 83 -21.43 25.79 -17.76
CA SER A 83 -22.04 25.24 -18.97
C SER A 83 -21.72 23.74 -19.06
N GLU A 84 -22.49 23.03 -19.89
CA GLU A 84 -22.42 21.58 -20.04
C GLU A 84 -21.26 21.15 -20.96
N PRO A 85 -20.48 20.11 -20.57
CA PRO A 85 -20.47 19.35 -19.30
C PRO A 85 -19.87 20.19 -18.17
N LYS A 86 -20.58 20.26 -17.05
CA LYS A 86 -20.13 21.10 -15.95
C LYS A 86 -18.81 20.67 -15.34
N ASP A 87 -18.55 19.36 -15.36
CA ASP A 87 -17.33 18.78 -14.79
C ASP A 87 -17.11 19.26 -13.35
N GLU A 88 -18.11 18.99 -12.52
CA GLU A 88 -18.01 19.32 -11.08
C GLU A 88 -16.77 18.74 -10.41
N ASP A 89 -16.28 17.60 -10.91
CA ASP A 89 -15.09 16.94 -10.35
C ASP A 89 -13.76 17.56 -10.81
N ARG A 90 -13.83 18.68 -11.51
CA ARG A 90 -12.64 19.38 -12.00
C ARG A 90 -12.56 20.85 -11.59
N LEU A 91 -13.57 21.37 -10.91
CA LEU A 91 -13.51 22.79 -10.57
C LEU A 91 -14.31 22.99 -9.31
N ILE A 92 -13.66 23.57 -8.31
CA ILE A 92 -14.35 23.96 -7.08
C ILE A 92 -13.94 25.38 -6.76
N ARG A 93 -14.93 26.19 -6.36
CA ARG A 93 -14.71 27.61 -6.11
C ARG A 93 -15.35 28.03 -4.80
N ALA A 94 -14.69 28.91 -4.07
CA ALA A 94 -15.19 29.38 -2.78
C ALA A 94 -14.60 30.72 -2.44
N LYS A 95 -15.32 31.50 -1.64
CA LYS A 95 -14.73 32.67 -1.02
C LYS A 95 -14.18 32.20 0.35
N ILE A 96 -12.86 32.35 0.52
CA ILE A 96 -12.19 31.87 1.74
C ILE A 96 -11.33 32.99 2.30
N ALA A 97 -11.64 33.39 3.54
CA ALA A 97 -10.87 34.47 4.21
C ALA A 97 -10.77 35.70 3.28
N GLY A 98 -11.86 36.03 2.60
CA GLY A 98 -11.91 37.22 1.75
C GLY A 98 -11.31 37.03 0.36
N ILE A 99 -10.77 35.85 0.05
CA ILE A 99 -10.12 35.55 -1.26
C ILE A 99 -11.07 34.73 -2.13
N ASP A 100 -11.27 35.16 -3.38
CA ASP A 100 -12.07 34.37 -4.35
C ASP A 100 -11.13 33.30 -4.88
N VAL A 101 -11.38 32.04 -4.52
CA VAL A 101 -10.48 30.93 -4.88
C VAL A 101 -11.11 30.03 -5.91
N ILE A 102 -10.41 29.83 -7.02
CA ILE A 102 -10.90 28.94 -8.09
C ILE A 102 -9.86 27.82 -8.28
N ASN A 103 -10.25 26.57 -8.02
CA ASN A 103 -9.33 25.43 -8.06
C ASN A 103 -9.72 24.51 -9.21
N THR A 104 -8.85 24.40 -10.22
CA THR A 104 -9.14 23.61 -11.42
C THR A 104 -8.19 22.42 -11.60
N TYR A 105 -8.75 21.32 -12.09
CA TYR A 105 -7.97 20.21 -12.57
C TYR A 105 -8.31 20.07 -14.05
N VAL A 106 -7.49 20.71 -14.89
CA VAL A 106 -7.74 20.81 -16.33
C VAL A 106 -7.59 19.44 -16.99
N PRO A 107 -8.48 19.09 -17.97
CA PRO A 107 -8.23 17.80 -18.67
C PRO A 107 -6.81 17.66 -19.23
N GLN A 108 -6.18 16.53 -18.96
CA GLN A 108 -4.80 16.32 -19.40
C GLN A 108 -4.66 16.23 -20.94
N GLY A 109 -5.60 15.55 -21.60
CA GLY A 109 -5.66 15.53 -23.07
C GLY A 109 -5.22 14.24 -23.77
N PHE A 110 -4.47 13.40 -23.08
CA PHE A 110 -4.05 12.07 -23.59
C PHE A 110 -3.01 12.13 -24.74
N LYS A 111 -3.48 12.40 -25.97
CA LYS A 111 -2.61 12.56 -27.13
C LYS A 111 -3.22 13.63 -28.01
N ILE A 112 -2.38 14.38 -28.72
CA ILE A 112 -2.88 15.50 -29.52
C ILE A 112 -3.86 15.13 -30.64
N ASP A 113 -3.83 13.87 -31.09
CA ASP A 113 -4.73 13.42 -32.17
C ASP A 113 -6.05 12.85 -31.65
N SER A 114 -6.27 12.93 -30.32
CA SER A 114 -7.45 12.33 -29.69
C SER A 114 -8.58 13.32 -29.50
N GLU A 115 -9.78 12.78 -29.35
CA GLU A 115 -10.93 13.56 -28.89
C GLU A 115 -10.66 14.23 -27.54
N LYS A 116 -9.99 13.54 -26.62
CA LYS A 116 -9.69 14.10 -25.29
C LYS A 116 -8.90 15.39 -25.42
N TYR A 117 -8.01 15.48 -26.42
CA TYR A 117 -7.25 16.74 -26.62
C TYR A 117 -8.17 17.85 -27.08
N GLN A 118 -9.10 17.55 -27.98
CA GLN A 118 -10.06 18.58 -28.40
C GLN A 118 -10.92 19.00 -27.20
N TYR A 119 -11.27 18.03 -26.37
CA TYR A 119 -12.03 18.35 -25.15
C TYR A 119 -11.24 19.28 -24.19
N LYS A 120 -9.94 19.03 -24.06
CA LYS A 120 -9.05 19.89 -23.27
C LYS A 120 -9.07 21.33 -23.82
N LEU A 121 -8.93 21.46 -25.13
CA LEU A 121 -8.91 22.80 -25.75
C LEU A 121 -10.24 23.50 -25.52
N GLN A 122 -11.33 22.77 -25.73
CA GLN A 122 -12.65 23.33 -25.48
C GLN A 122 -12.82 23.75 -24.01
N TRP A 123 -12.25 22.98 -23.08
CA TRP A 123 -12.34 23.24 -21.63
C TRP A 123 -11.63 24.55 -21.29
N LEU A 124 -10.43 24.72 -21.86
CA LEU A 124 -9.68 25.97 -21.67
C LEU A 124 -10.40 27.18 -22.28
N GLU A 125 -11.12 26.99 -23.40
CA GLU A 125 -11.90 28.08 -23.97
C GLU A 125 -13.10 28.40 -23.05
N ARG A 126 -13.77 27.36 -22.57
CA ARG A 126 -14.89 27.56 -21.64
C ARG A 126 -14.40 28.24 -20.36
N LEU A 127 -13.23 27.84 -19.88
CA LEU A 127 -12.68 28.41 -18.65
C LEU A 127 -12.38 29.89 -18.85
N TYR A 128 -11.86 30.24 -20.02
CA TYR A 128 -11.66 31.65 -20.37
C TYR A 128 -12.93 32.48 -20.18
N HIS A 129 -14.03 32.04 -20.79
CA HIS A 129 -15.28 32.79 -20.72
C HIS A 129 -15.84 32.80 -19.30
N TYR A 130 -15.66 31.70 -18.59
CA TYR A 130 -16.13 31.57 -17.21
C TYR A 130 -15.43 32.58 -16.29
N LEU A 131 -14.10 32.65 -16.39
CA LEU A 131 -13.33 33.59 -15.55
C LEU A 131 -13.49 35.04 -15.99
N GLN A 132 -13.56 35.29 -17.30
CA GLN A 132 -13.84 36.64 -17.80
C GLN A 132 -15.15 37.17 -17.23
N LYS A 133 -16.15 36.29 -17.11
CA LYS A 133 -17.49 36.66 -16.68
C LYS A 133 -17.59 36.87 -15.18
N THR A 134 -16.81 36.10 -14.42
CA THR A 134 -17.02 35.96 -12.98
C THR A 134 -15.92 36.50 -12.06
N VAL A 135 -14.73 36.78 -12.61
CA VAL A 135 -13.61 37.28 -11.79
C VAL A 135 -13.52 38.82 -11.76
N ASP A 136 -13.39 39.36 -10.56
CA ASP A 136 -13.20 40.80 -10.43
C ASP A 136 -11.70 41.02 -10.33
N PHE A 137 -11.11 41.61 -11.37
CA PHE A 137 -9.65 41.74 -11.43
C PHE A 137 -9.10 42.89 -10.57
N ARG A 138 -10.00 43.70 -10.02
CA ARG A 138 -9.65 44.71 -9.01
C ARG A 138 -9.80 44.19 -7.58
N SER A 139 -10.23 42.93 -7.45
CA SER A 139 -10.31 42.25 -6.14
C SER A 139 -9.18 41.23 -6.01
N PHE A 140 -9.02 40.70 -4.80
CA PHE A 140 -8.13 39.56 -4.58
C PHE A 140 -8.79 38.25 -4.99
N ALA A 141 -8.24 37.63 -6.03
CA ALA A 141 -8.64 36.31 -6.45
C ALA A 141 -7.43 35.48 -6.83
N VAL A 142 -7.52 34.18 -6.60
CA VAL A 142 -6.48 33.23 -6.99
C VAL A 142 -7.14 32.10 -7.77
N TRP A 143 -6.59 31.82 -8.96
CA TRP A 143 -6.96 30.65 -9.73
C TRP A 143 -5.74 29.77 -9.58
N CYS A 144 -5.98 28.61 -8.95
N CYS A 144 -5.93 28.57 -9.06
CA CYS A 144 -4.98 27.56 -8.63
CA CYS A 144 -4.79 27.69 -8.99
C CYS A 144 -5.28 26.29 -9.39
C CYS A 144 -5.24 26.28 -9.28
N GLY A 145 -4.28 25.42 -9.51
CA GLY A 145 -4.57 24.05 -9.86
C GLY A 145 -3.52 23.35 -10.65
N ASP A 146 -3.90 22.16 -11.10
CA ASP A 146 -3.06 21.41 -12.00
C ASP A 146 -3.65 21.71 -13.35
N MET A 147 -2.94 22.55 -14.09
CA MET A 147 -3.39 23.08 -15.39
C MET A 147 -3.11 22.13 -16.53
N ASN A 148 -2.22 21.15 -16.31
CA ASN A 148 -1.75 20.28 -17.40
C ASN A 148 -1.30 21.10 -18.60
N VAL A 149 -0.69 22.24 -18.30
CA VAL A 149 -0.09 23.06 -19.35
C VAL A 149 1.18 23.66 -18.78
N ALA A 150 2.27 23.46 -19.51
CA ALA A 150 3.55 24.08 -19.23
C ALA A 150 3.67 25.21 -20.26
N PRO A 151 3.40 26.46 -19.81
CA PRO A 151 3.21 27.53 -20.82
C PRO A 151 4.48 28.02 -21.54
N GLU A 152 5.64 27.94 -20.87
CA GLU A 152 6.89 28.42 -21.47
C GLU A 152 7.92 27.31 -21.56
N PRO A 153 8.94 27.46 -22.43
CA PRO A 153 9.95 26.39 -22.52
C PRO A 153 10.64 26.05 -21.19
N ILE A 154 10.85 27.04 -20.33
CA ILE A 154 11.42 26.78 -18.98
C ILE A 154 10.59 25.82 -18.10
N ASP A 155 9.30 25.65 -18.43
CA ASP A 155 8.40 24.80 -17.65
C ASP A 155 8.49 23.30 -17.96
N VAL A 156 9.35 22.93 -18.91
CA VAL A 156 9.54 21.53 -19.27
C VAL A 156 11.05 21.23 -19.38
N HIS A 157 11.43 19.98 -19.11
CA HIS A 157 12.85 19.63 -19.15
C HIS A 157 13.47 19.63 -20.56
N SER A 158 12.67 19.34 -21.58
CA SER A 158 13.17 19.16 -22.97
C SER A 158 12.22 19.78 -24.00
N PRO A 159 12.16 21.12 -24.04
CA PRO A 159 11.18 21.80 -24.91
C PRO A 159 11.30 21.37 -26.38
N ASP A 160 12.54 21.12 -26.82
CA ASP A 160 12.82 20.73 -28.20
C ASP A 160 12.15 19.40 -28.60
N LYS A 161 11.91 18.54 -27.63
CA LYS A 161 11.40 17.17 -27.85
C LYS A 161 9.91 17.00 -27.59
N LEU A 162 9.28 18.01 -27.01
CA LEU A 162 7.93 17.85 -26.44
C LEU A 162 6.83 18.62 -27.18
N LYS A 163 7.11 19.01 -28.43
CA LYS A 163 6.16 19.78 -29.27
C LYS A 163 4.81 19.09 -29.48
N ASN A 164 4.80 17.76 -29.50
CA ASN A 164 3.57 17.03 -29.74
C ASN A 164 2.98 16.47 -28.47
N HIS A 165 3.54 16.87 -27.33
CA HIS A 165 3.01 16.42 -26.05
C HIS A 165 1.82 17.28 -25.65
N VAL A 166 0.77 16.64 -25.12
CA VAL A 166 -0.47 17.37 -24.80
C VAL A 166 -0.26 18.48 -23.77
N PHE A 168 2.47 20.40 -23.60
CA PHE A 168 3.34 21.44 -24.16
C PHE A 168 2.98 21.84 -25.61
N HIS A 169 1.96 21.22 -26.19
CA HIS A 169 1.59 21.49 -27.58
C HIS A 169 1.08 22.93 -27.70
N GLU A 170 1.35 23.53 -28.88
CA GLU A 170 1.06 24.93 -29.12
C GLU A 170 -0.40 25.31 -28.86
N ASP A 171 -1.35 24.45 -29.22
CA ASP A 171 -2.78 24.81 -29.06
C ASP A 171 -3.17 24.97 -27.59
N ALA A 172 -2.72 24.03 -26.76
CA ALA A 172 -2.98 24.10 -25.33
C ALA A 172 -2.28 25.30 -24.69
N ARG A 173 -1.01 25.52 -25.05
CA ARG A 173 -0.24 26.66 -24.54
C ARG A 173 -0.96 27.96 -24.89
N ARG A 174 -1.39 28.10 -26.14
CA ARG A 174 -2.06 29.33 -26.58
C ARG A 174 -3.39 29.55 -25.81
N ALA A 175 -4.16 28.47 -25.63
CA ALA A 175 -5.46 28.57 -24.96
C ALA A 175 -5.30 28.94 -23.49
N TYR A 176 -4.24 28.43 -22.87
CA TYR A 176 -3.98 28.71 -21.46
C TYR A 176 -3.52 30.16 -21.34
N LYS A 177 -2.59 30.56 -22.19
CA LYS A 177 -2.08 31.95 -22.15
C LYS A 177 -3.17 32.97 -22.43
N LYS A 178 -4.18 32.61 -23.24
CA LYS A 178 -5.31 33.49 -23.48
C LYS A 178 -6.02 33.85 -22.16
N ILE A 179 -6.11 32.88 -21.25
CA ILE A 179 -6.72 33.12 -19.93
C ILE A 179 -5.82 34.01 -19.09
N LEU A 180 -4.52 33.73 -19.07
CA LEU A 180 -3.59 34.60 -18.32
C LEU A 180 -3.72 36.07 -18.71
N GLU A 181 -3.97 36.31 -20.00
CA GLU A 181 -4.05 37.67 -20.55
C GLU A 181 -5.22 38.48 -19.97
N LEU A 182 -6.16 37.78 -19.33
CA LEU A 182 -7.28 38.45 -18.63
C LEU A 182 -6.77 39.29 -17.47
N GLY A 183 -5.60 38.94 -16.97
CA GLY A 183 -4.94 39.70 -15.89
C GLY A 183 -4.55 38.82 -14.74
N PHE A 184 -4.25 37.56 -15.02
CA PHE A 184 -3.69 36.70 -14.01
C PHE A 184 -2.18 36.76 -14.05
N VAL A 185 -1.57 36.79 -12.86
CA VAL A 185 -0.10 36.76 -12.76
C VAL A 185 0.37 35.38 -12.27
N ASP A 186 1.29 34.77 -13.02
CA ASP A 186 1.82 33.44 -12.65
C ASP A 186 2.90 33.76 -11.63
N VAL A 187 2.54 33.73 -10.36
CA VAL A 187 3.42 34.31 -9.32
C VAL A 187 4.74 33.55 -9.17
N LEU A 188 4.75 32.27 -9.50
CA LEU A 188 6.03 31.50 -9.51
C LEU A 188 7.07 32.25 -10.33
N ARG A 189 6.65 32.83 -11.46
CA ARG A 189 7.58 33.59 -12.32
C ARG A 189 7.79 35.06 -11.94
N LYS A 190 6.95 35.61 -11.07
CA LYS A 190 7.30 36.88 -10.42
C LYS A 190 8.55 36.70 -9.54
N ILE A 191 8.59 35.60 -8.80
CA ILE A 191 9.62 35.38 -7.77
C ILE A 191 10.84 34.66 -8.35
N HIS A 192 10.57 33.71 -9.26
CA HIS A 192 11.58 32.81 -9.82
C HIS A 192 11.52 32.79 -11.34
N PRO A 193 11.74 33.94 -11.97
CA PRO A 193 11.70 33.97 -13.43
C PRO A 193 12.82 33.10 -14.03
N ASN A 194 12.53 32.45 -15.16
CA ASN A 194 13.57 31.74 -15.93
C ASN A 194 14.43 30.78 -15.14
N GLU A 195 13.79 30.01 -14.27
CA GLU A 195 14.49 29.10 -13.37
C GLU A 195 13.82 27.74 -13.43
N ARG A 196 14.64 26.68 -13.52
CA ARG A 196 14.11 25.32 -13.60
C ARG A 196 13.55 24.92 -12.25
N ILE A 197 12.22 24.89 -12.18
CA ILE A 197 11.46 24.51 -10.99
C ILE A 197 10.33 23.63 -11.48
N TYR A 198 10.24 22.40 -10.96
CA TYR A 198 9.26 21.43 -11.47
C TYR A 198 8.32 21.03 -10.35
N THR A 199 7.05 20.88 -10.69
CA THR A 199 6.01 20.50 -9.74
C THR A 199 5.54 19.06 -9.99
N PHE A 200 6.14 18.40 -10.98
CA PHE A 200 5.77 17.04 -11.38
C PHE A 200 6.98 16.27 -11.89
N TYR A 201 7.13 15.04 -11.39
CA TYR A 201 8.12 14.10 -11.90
C TYR A 201 7.38 12.78 -12.09
N ASP A 202 7.40 12.25 -13.31
CA ASP A 202 6.66 11.03 -13.64
C ASP A 202 7.21 9.86 -12.86
N TYR A 203 6.34 9.08 -12.21
CA TYR A 203 6.77 7.91 -11.43
C TYR A 203 7.61 6.93 -12.27
N ARG A 204 7.29 6.88 -13.57
CA ARG A 204 7.84 5.89 -14.46
C ARG A 204 9.26 6.18 -14.91
N VAL A 205 9.68 7.43 -14.70
CA VAL A 205 10.98 7.91 -15.16
C VAL A 205 12.04 7.64 -14.09
N LYS A 206 12.96 6.71 -14.40
CA LYS A 206 13.97 6.29 -13.43
C LYS A 206 14.91 7.45 -13.07
N GLY A 207 15.08 7.71 -11.77
CA GLY A 207 15.90 8.82 -11.29
C GLY A 207 15.44 10.20 -11.77
N ALA A 208 14.16 10.34 -12.08
CA ALA A 208 13.62 11.63 -12.59
C ALA A 208 14.10 12.88 -11.85
N ILE A 209 14.04 12.85 -10.51
CA ILE A 209 14.35 14.03 -9.71
C ILE A 209 15.83 14.39 -9.87
N GLU A 210 16.69 13.39 -9.63
CA GLU A 210 18.13 13.60 -9.75
C GLU A 210 18.59 14.09 -11.11
N ARG A 211 17.99 13.62 -12.19
CA ARG A 211 18.41 14.12 -13.51
C ARG A 211 17.58 15.26 -14.10
N GLY A 212 16.72 15.81 -13.26
CA GLY A 212 15.94 17.02 -13.57
C GLY A 212 14.92 16.81 -14.68
N LEU A 213 14.33 15.61 -14.72
CA LEU A 213 13.33 15.28 -15.74
C LEU A 213 11.93 15.50 -15.18
N GLY A 214 11.59 16.78 -15.05
CA GLY A 214 10.29 17.18 -14.54
C GLY A 214 9.58 18.16 -15.45
N TRP A 215 8.36 18.50 -15.01
CA TRP A 215 7.44 19.46 -15.66
C TRP A 215 6.90 20.43 -14.65
N ARG A 216 6.49 21.61 -15.13
CA ARG A 216 5.85 22.58 -14.23
C ARG A 216 4.49 22.96 -14.87
N GLY A 217 3.50 22.10 -14.62
CA GLY A 217 2.13 22.30 -15.13
C GLY A 217 1.11 22.74 -14.09
N ASP A 218 1.57 22.90 -12.85
CA ASP A 218 0.76 23.39 -11.71
C ASP A 218 1.05 24.90 -11.53
N ALA A 219 0.04 25.68 -11.14
CA ALA A 219 0.25 27.13 -11.06
C ALA A 219 -0.65 27.76 -9.99
N ILE A 220 -0.17 28.89 -9.47
CA ILE A 220 -0.99 29.79 -8.67
C ILE A 220 -1.03 31.12 -9.41
N LEU A 221 -2.23 31.48 -9.90
CA LEU A 221 -2.39 32.70 -10.69
C LEU A 221 -3.17 33.69 -9.85
N ALA A 222 -2.61 34.88 -9.66
CA ALA A 222 -3.24 35.87 -8.79
C ALA A 222 -3.66 37.11 -9.60
N THR A 223 -4.76 37.74 -9.19
CA THR A 223 -5.19 38.98 -9.84
C THR A 223 -4.14 40.05 -9.53
N PRO A 224 -4.07 41.11 -10.37
CA PRO A 224 -2.99 42.10 -10.15
C PRO A 224 -2.79 42.66 -8.72
N PRO A 225 -3.87 43.07 -8.00
CA PRO A 225 -3.66 43.67 -6.67
C PRO A 225 -3.14 42.65 -5.65
N LEU A 226 -3.51 41.39 -5.80
CA LEU A 226 -2.99 40.34 -4.96
C LEU A 226 -1.55 39.95 -5.36
N ALA A 227 -1.31 39.84 -6.66
CA ALA A 227 0.04 39.54 -7.17
C ALA A 227 1.06 40.57 -6.71
N GLU A 228 0.67 41.85 -6.69
CA GLU A 228 1.55 42.94 -6.24
C GLU A 228 2.13 42.69 -4.84
N ARG A 229 1.36 41.97 -4.02
CA ARG A 229 1.70 41.64 -2.62
C ARG A 229 2.40 40.27 -2.48
N CYS A 230 2.67 39.60 -3.61
CA CYS A 230 3.32 38.28 -3.52
C CYS A 230 4.79 38.47 -3.19
N VAL A 231 5.23 37.89 -2.07
CA VAL A 231 6.61 38.05 -1.62
C VAL A 231 7.46 36.76 -1.74
N ASP A 232 6.79 35.63 -1.95
CA ASP A 232 7.51 34.37 -2.15
C ASP A 232 6.62 33.35 -2.87
N CYS A 233 7.26 32.41 -3.57
CA CYS A 233 6.56 31.33 -4.23
C CYS A 233 7.63 30.28 -4.50
N TYR A 234 7.31 29.03 -4.21
CA TYR A 234 8.27 27.94 -4.36
C TYR A 234 7.55 26.60 -4.43
N ALA A 235 8.25 25.61 -4.99
CA ALA A 235 7.77 24.23 -4.99
C ALA A 235 8.47 23.50 -3.87
N ASP A 236 7.72 22.74 -3.09
CA ASP A 236 8.30 21.99 -1.96
C ASP A 236 8.67 20.55 -2.34
N ILE A 237 9.97 20.29 -2.50
CA ILE A 237 10.47 18.98 -2.90
C ILE A 237 10.35 17.90 -1.79
N LYS A 238 10.28 18.34 -0.54
CA LYS A 238 10.32 17.38 0.59
C LYS A 238 9.25 16.26 0.54
N PRO A 239 7.96 16.63 0.36
CA PRO A 239 6.93 15.57 0.23
C PRO A 239 7.15 14.63 -0.98
N ARG A 240 7.82 15.13 -2.02
CA ARG A 240 8.13 14.31 -3.22
C ARG A 240 9.21 13.24 -2.97
N LEU A 241 10.04 13.48 -1.96
CA LEU A 241 11.10 12.56 -1.54
C LEU A 241 10.66 11.61 -0.43
N ALA A 242 9.49 11.88 0.16
CA ALA A 242 9.01 11.05 1.27
C ALA A 242 8.53 9.69 0.77
N GLU A 243 8.24 8.78 1.69
CA GLU A 243 7.75 7.45 1.33
C GLU A 243 6.34 7.53 0.76
N LYS A 244 6.09 6.73 -0.28
CA LYS A 244 4.82 6.73 -1.04
C LYS A 244 4.35 8.16 -1.35
N PRO A 245 5.18 8.89 -2.13
CA PRO A 245 4.85 10.29 -2.46
C PRO A 245 3.84 10.40 -3.58
N SER A 246 3.17 11.55 -3.64
CA SER A 246 2.45 11.93 -4.88
C SER A 246 3.52 12.11 -5.97
N ASP A 247 3.13 12.02 -7.25
CA ASP A 247 4.06 12.37 -8.32
C ASP A 247 4.26 13.90 -8.47
N HIS A 248 3.30 14.68 -7.94
CA HIS A 248 3.43 16.16 -7.92
C HIS A 248 4.03 16.67 -6.60
N LEU A 249 4.56 17.90 -6.64
CA LEU A 249 5.02 18.66 -5.46
C LEU A 249 3.98 19.74 -5.11
N PRO A 250 3.81 20.09 -3.81
CA PRO A 250 3.04 21.31 -3.53
C PRO A 250 3.73 22.55 -4.09
N LEU A 251 2.92 23.48 -4.57
CA LEU A 251 3.40 24.79 -5.00
C LEU A 251 2.79 25.78 -4.00
N VAL A 252 3.64 26.64 -3.42
CA VAL A 252 3.27 27.51 -2.29
C VAL A 252 3.51 28.97 -2.69
N ALA A 253 2.55 29.85 -2.39
CA ALA A 253 2.76 31.29 -2.56
C ALA A 253 2.43 32.01 -1.26
N VAL A 254 3.21 33.05 -0.98
CA VAL A 254 3.05 33.88 0.22
C VAL A 254 2.82 35.33 -0.21
N PHE A 255 1.79 35.94 0.38
CA PHE A 255 1.36 37.32 0.09
C PHE A 255 1.43 38.20 1.34
N ASP A 256 1.82 39.45 1.13
CA ASP A 256 1.96 40.45 2.17
C ASP A 256 0.58 41.07 2.42
N VAL A 257 -0.26 40.30 3.12
CA VAL A 257 -1.65 40.63 3.40
C VAL A 257 -1.90 40.29 4.88
N MET B 1 20.23 -20.83 23.23
CA MET B 1 18.82 -21.16 22.84
C MET B 1 18.63 -21.17 21.33
N LEU B 2 17.59 -21.89 20.88
CA LEU B 2 17.24 -21.96 19.48
C LEU B 2 15.78 -21.56 19.35
N LYS B 3 15.51 -20.63 18.43
CA LYS B 3 14.17 -20.11 18.23
C LYS B 3 13.73 -20.36 16.78
N ILE B 4 12.58 -21.02 16.65
CA ILE B 4 12.01 -21.37 15.37
C ILE B 4 10.57 -20.82 15.32
N ALA B 5 10.22 -20.23 14.19
CA ALA B 5 8.90 -19.62 14.03
C ALA B 5 8.30 -19.99 12.67
N THR B 6 6.98 -19.99 12.62
CA THR B 6 6.25 -20.22 11.39
C THR B 6 5.23 -19.10 11.22
N PHE B 7 5.04 -18.62 9.99
CA PHE B 7 4.22 -17.43 9.78
C PHE B 7 3.63 -17.47 8.38
N ASN B 8 2.31 -17.57 8.27
CA ASN B 8 1.66 -17.40 7.00
C ASN B 8 1.53 -15.90 6.78
N VAL B 9 2.21 -15.42 5.74
CA VAL B 9 2.38 -13.97 5.52
C VAL B 9 1.35 -13.29 4.61
N ASN B 10 0.48 -14.08 3.97
CA ASN B 10 -0.48 -13.54 2.97
C ASN B 10 0.16 -12.55 1.96
N SER B 11 1.14 -13.06 1.22
CA SER B 11 1.91 -12.31 0.19
C SER B 11 3.11 -11.60 0.81
N ILE B 12 4.29 -12.16 0.57
CA ILE B 12 5.50 -11.60 1.18
C ILE B 12 5.77 -10.16 0.73
N ARG B 13 5.52 -9.86 -0.55
CA ARG B 13 5.78 -8.50 -1.06
C ARG B 13 4.82 -7.48 -0.45
N SER B 14 3.71 -7.98 0.09
CA SER B 14 2.74 -7.12 0.76
C SER B 14 2.95 -7.10 2.28
N ARG B 15 3.91 -7.90 2.77
CA ARG B 15 4.09 -8.05 4.21
C ARG B 15 5.50 -7.76 4.75
N LEU B 16 6.39 -7.20 3.91
CA LEU B 16 7.75 -6.90 4.38
C LEU B 16 7.81 -5.90 5.54
N HIS B 17 6.83 -4.99 5.59
CA HIS B 17 6.70 -4.01 6.67
C HIS B 17 6.37 -4.66 8.02
N ILE B 18 5.86 -5.89 7.99
CA ILE B 18 5.68 -6.69 9.22
C ILE B 18 6.91 -7.61 9.44
N VAL B 19 7.24 -8.40 8.42
CA VAL B 19 8.22 -9.49 8.55
C VAL B 19 9.63 -8.99 8.88
N ILE B 20 10.10 -7.97 8.17
CA ILE B 20 11.48 -7.52 8.41
C ILE B 20 11.68 -6.90 9.81
N PRO B 21 10.82 -5.94 10.22
CA PRO B 21 10.89 -5.50 11.62
C PRO B 21 10.72 -6.66 12.63
N TRP B 22 9.80 -7.59 12.35
CA TRP B 22 9.58 -8.77 13.21
C TRP B 22 10.86 -9.61 13.39
N LEU B 23 11.58 -9.85 12.30
CA LEU B 23 12.88 -10.56 12.37
C LEU B 23 13.92 -9.80 13.17
N LYS B 24 13.98 -8.48 12.94
CA LYS B 24 14.95 -7.62 13.63
C LYS B 24 14.72 -7.63 15.14
N GLU B 25 13.45 -7.64 15.54
CA GLU B 25 13.06 -7.58 16.95
C GLU B 25 13.16 -8.94 17.65
N ASN B 26 12.70 -10.00 16.97
CA ASN B 26 12.61 -11.33 17.55
C ASN B 26 13.81 -12.24 17.30
N LYS B 27 14.59 -11.92 16.28
CA LYS B 27 15.84 -12.63 15.92
C LYS B 27 15.76 -14.16 16.02
N PRO B 28 14.78 -14.78 15.33
CA PRO B 28 14.71 -16.23 15.37
C PRO B 28 15.85 -16.82 14.57
N ASP B 29 16.24 -18.04 14.91
CA ASP B 29 17.24 -18.74 14.13
C ASP B 29 16.67 -19.17 12.78
N ILE B 30 15.38 -19.51 12.78
CA ILE B 30 14.68 -20.03 11.60
C ILE B 30 13.27 -19.44 11.57
N LEU B 31 12.89 -18.87 10.43
CA LEU B 31 11.51 -18.45 10.19
C LEU B 31 10.98 -19.14 8.95
N CYS B 32 9.97 -20.00 9.12
CA CYS B 32 9.26 -20.59 7.99
C CYS B 32 8.11 -19.71 7.59
N MET B 33 7.93 -19.47 6.30
CA MET B 33 6.84 -18.63 5.81
C MET B 33 5.98 -19.40 4.81
N GLN B 34 4.67 -19.14 4.83
CA GLN B 34 3.74 -19.73 3.84
C GLN B 34 2.88 -18.66 3.19
N GLU B 35 2.27 -19.03 2.06
CA GLU B 35 1.54 -18.07 1.22
C GLU B 35 2.36 -16.82 0.91
N THR B 36 3.60 -17.02 0.45
CA THR B 36 4.44 -15.90 0.00
C THR B 36 3.88 -15.27 -1.29
N LYS B 37 3.14 -16.06 -2.06
CA LYS B 37 2.46 -15.59 -3.28
C LYS B 37 3.37 -14.77 -4.21
N VAL B 38 4.52 -15.36 -4.57
CA VAL B 38 5.46 -14.70 -5.45
C VAL B 38 6.28 -15.73 -6.21
N GLU B 39 6.52 -15.45 -7.49
CA GLU B 39 7.41 -16.27 -8.32
C GLU B 39 8.86 -16.08 -7.81
N ASN B 40 9.68 -17.12 -8.00
CA ASN B 40 11.04 -17.12 -7.49
C ASN B 40 11.85 -15.91 -7.94
N ARG B 41 11.78 -15.57 -9.23
CA ARG B 41 12.56 -14.46 -9.74
C ARG B 41 12.19 -13.09 -9.12
N LYS B 42 11.00 -12.98 -8.50
CA LYS B 42 10.57 -11.74 -7.83
C LYS B 42 10.59 -11.81 -6.29
N PHE B 43 11.04 -12.93 -5.73
CA PHE B 43 11.11 -13.02 -4.27
C PHE B 43 12.04 -11.93 -3.74
N PRO B 44 11.57 -11.13 -2.74
CA PRO B 44 12.37 -10.04 -2.17
C PRO B 44 13.53 -10.50 -1.27
N GLU B 45 14.51 -11.20 -1.86
CA GLU B 45 15.73 -11.68 -1.20
C GLU B 45 16.52 -10.63 -0.43
N ALA B 46 16.77 -9.50 -1.09
CA ALA B 46 17.67 -8.48 -0.58
C ALA B 46 17.17 -7.91 0.74
N ASP B 47 15.85 -7.88 0.91
CA ASP B 47 15.26 -7.38 2.15
C ASP B 47 15.72 -8.20 3.36
N PHE B 48 15.81 -9.51 3.18
CA PHE B 48 16.32 -10.43 4.20
C PHE B 48 17.86 -10.34 4.33
N HIS B 49 18.54 -10.33 3.19
CA HIS B 49 20.01 -10.23 3.21
C HIS B 49 20.49 -9.00 3.99
N ARG B 50 19.80 -7.88 3.84
CA ARG B 50 20.30 -6.64 4.43
C ARG B 50 20.13 -6.57 5.94
N ILE B 51 19.38 -7.52 6.50
CA ILE B 51 19.31 -7.68 7.94
C ILE B 51 20.04 -8.96 8.41
N GLY B 52 20.89 -9.50 7.54
CA GLY B 52 21.75 -10.63 7.87
C GLY B 52 21.10 -12.02 7.84
N TYR B 53 19.96 -12.12 7.18
CA TYR B 53 19.25 -13.39 7.03
C TYR B 53 19.44 -14.01 5.67
N HIS B 54 19.75 -15.30 5.66
CA HIS B 54 19.65 -16.10 4.45
C HIS B 54 18.18 -16.29 4.21
N VAL B 55 17.82 -16.49 2.94
CA VAL B 55 16.44 -16.89 2.62
C VAL B 55 16.41 -17.81 1.40
N VAL B 56 15.69 -18.92 1.54
CA VAL B 56 15.46 -19.83 0.41
C VAL B 56 13.96 -19.88 0.18
N PHE B 57 13.56 -20.08 -1.08
CA PHE B 57 12.16 -19.81 -1.45
C PHE B 57 11.70 -20.63 -2.65
N SER B 58 10.41 -20.96 -2.65
CA SER B 58 9.84 -21.76 -3.72
C SER B 58 8.39 -21.36 -3.93
N GLY B 59 8.11 -20.83 -5.12
CA GLY B 59 6.78 -20.34 -5.43
C GLY B 59 6.59 -19.94 -6.86
N SER B 60 5.32 -19.82 -7.24
CA SER B 60 4.92 -19.32 -8.56
C SER B 60 4.01 -18.10 -8.37
N LYS B 61 3.57 -17.50 -9.48
CA LYS B 61 2.72 -16.31 -9.44
C LYS B 61 1.44 -16.46 -8.61
N GLY B 62 1.25 -15.54 -7.68
CA GLY B 62 -0.06 -15.26 -7.12
C GLY B 62 -0.72 -16.17 -6.10
N ARG B 63 -0.21 -17.38 -5.92
CA ARG B 63 -0.81 -18.32 -4.99
C ARG B 63 0.24 -19.19 -4.33
N ASN B 64 -0.11 -19.76 -3.18
CA ASN B 64 0.80 -20.66 -2.45
C ASN B 64 2.14 -19.95 -2.21
N GLY B 65 3.24 -20.70 -2.30
CA GLY B 65 4.56 -20.11 -2.07
C GLY B 65 5.05 -20.34 -0.64
N VAL B 66 6.26 -20.87 -0.53
CA VAL B 66 6.88 -21.12 0.78
C VAL B 66 8.34 -20.59 0.80
N ALA B 67 8.85 -20.31 1.99
CA ALA B 67 10.21 -19.81 2.13
C ALA B 67 10.68 -20.10 3.54
N ILE B 68 12.00 -20.11 3.69
CA ILE B 68 12.62 -20.22 5.01
C ILE B 68 13.77 -19.21 5.09
N ALA B 69 13.69 -18.35 6.10
CA ALA B 69 14.74 -17.41 6.43
C ALA B 69 15.52 -17.96 7.61
N SER B 70 16.83 -17.82 7.59
CA SER B 70 17.65 -18.35 8.69
C SER B 70 18.93 -17.56 8.88
N LEU B 71 19.45 -17.64 10.11
CA LEU B 71 20.74 -17.05 10.43
C LEU B 71 21.90 -17.84 9.84
N GLU B 72 21.77 -19.17 9.90
CA GLU B 72 22.77 -20.08 9.35
C GLU B 72 22.40 -20.45 7.91
N GLU B 73 23.42 -20.61 7.07
CA GLU B 73 23.18 -20.95 5.67
C GLU B 73 22.50 -22.32 5.53
N PRO B 74 21.33 -22.36 4.85
CA PRO B 74 20.61 -23.61 4.56
C PRO B 74 21.40 -24.53 3.64
N GLU B 75 21.29 -25.83 3.88
CA GLU B 75 21.96 -26.84 3.05
C GLU B 75 20.96 -27.88 2.60
N ASP B 76 21.32 -28.62 1.54
CA ASP B 76 20.48 -29.71 1.00
C ASP B 76 19.03 -29.24 0.81
N VAL B 77 18.84 -28.10 0.16
CA VAL B 77 17.51 -27.53 -0.04
C VAL B 77 16.77 -28.38 -1.09
N SER B 78 15.53 -28.74 -0.78
CA SER B 78 14.65 -29.42 -1.75
C SER B 78 13.25 -28.80 -1.77
N PHE B 79 12.60 -28.86 -2.94
CA PHE B 79 11.26 -28.35 -3.11
C PHE B 79 10.30 -29.47 -3.43
N GLY B 80 9.13 -29.43 -2.80
CA GLY B 80 8.02 -30.30 -3.15
C GLY B 80 8.06 -31.70 -2.54
N LEU B 81 6.95 -32.41 -2.74
CA LEU B 81 6.87 -33.84 -2.47
C LEU B 81 7.68 -34.63 -3.48
N ASP B 82 7.99 -35.88 -3.17
CA ASP B 82 8.84 -36.72 -4.02
C ASP B 82 8.01 -37.53 -5.04
N SER B 83 6.77 -37.08 -5.26
CA SER B 83 5.83 -37.73 -6.17
C SER B 83 4.97 -36.68 -6.90
N GLU B 84 4.53 -37.01 -8.11
CA GLU B 84 3.70 -36.12 -8.93
C GLU B 84 2.26 -36.08 -8.44
N PRO B 85 1.64 -34.87 -8.38
CA PRO B 85 2.19 -33.51 -8.55
C PRO B 85 3.07 -33.12 -7.37
N LYS B 86 4.28 -32.64 -7.68
CA LYS B 86 5.26 -32.31 -6.64
C LYS B 86 4.86 -31.15 -5.76
N ASP B 87 4.10 -30.20 -6.31
CA ASP B 87 3.70 -28.97 -5.60
C ASP B 87 4.91 -28.30 -4.94
N GLU B 88 5.90 -27.93 -5.76
CA GLU B 88 7.08 -27.23 -5.25
C GLU B 88 6.74 -25.94 -4.48
N ASP B 89 5.59 -25.35 -4.81
CA ASP B 89 5.12 -24.14 -4.12
C ASP B 89 4.44 -24.41 -2.77
N ARG B 90 4.46 -25.66 -2.30
CA ARG B 90 3.82 -26.00 -1.03
C ARG B 90 4.72 -26.70 -0.02
N LEU B 91 5.95 -27.03 -0.44
CA LEU B 91 6.90 -27.67 0.46
C LEU B 91 8.32 -27.22 0.13
N ILE B 92 9.02 -26.77 1.16
CA ILE B 92 10.44 -26.47 1.05
C ILE B 92 11.12 -27.06 2.30
N ARG B 93 12.26 -27.69 2.07
CA ARG B 93 12.96 -28.43 3.09
C ARG B 93 14.44 -28.07 3.00
N ALA B 94 15.08 -27.97 4.17
CA ALA B 94 16.48 -27.62 4.22
C ALA B 94 17.06 -28.06 5.55
N LYS B 95 18.35 -28.36 5.52
CA LYS B 95 19.14 -28.60 6.72
C LYS B 95 19.70 -27.26 7.16
N ILE B 96 19.26 -26.80 8.33
CA ILE B 96 19.67 -25.51 8.86
C ILE B 96 20.15 -25.64 10.31
N ALA B 97 21.38 -25.20 10.56
CA ALA B 97 22.00 -25.37 11.87
C ALA B 97 21.91 -26.84 12.34
N GLY B 98 22.10 -27.77 11.42
CA GLY B 98 22.02 -29.20 11.75
C GLY B 98 20.61 -29.72 11.96
N ILE B 99 19.60 -28.85 11.82
CA ILE B 99 18.19 -29.26 11.99
C ILE B 99 17.54 -29.50 10.63
N ASP B 100 16.85 -30.63 10.51
CA ASP B 100 16.12 -30.97 9.31
C ASP B 100 14.78 -30.21 9.37
N VAL B 101 14.64 -29.16 8.55
CA VAL B 101 13.45 -28.30 8.56
C VAL B 101 12.56 -28.57 7.35
N ILE B 102 11.29 -28.90 7.62
CA ILE B 102 10.29 -29.12 6.57
C ILE B 102 9.15 -28.10 6.72
N ASN B 103 8.92 -27.30 5.68
CA ASN B 103 7.94 -26.21 5.74
C ASN B 103 6.86 -26.51 4.69
N THR B 104 5.63 -26.74 5.14
CA THR B 104 4.51 -27.06 4.25
C THR B 104 3.36 -26.04 4.29
N TYR B 105 2.78 -25.77 3.12
CA TYR B 105 1.52 -25.04 3.05
C TYR B 105 0.51 -26.05 2.50
N VAL B 106 -0.19 -26.72 3.43
CA VAL B 106 -1.11 -27.83 3.07
C VAL B 106 -2.32 -27.28 2.30
N PRO B 107 -2.78 -28.01 1.24
CA PRO B 107 -4.00 -27.56 0.53
C PRO B 107 -5.17 -27.27 1.49
N GLN B 108 -5.82 -26.11 1.33
CA GLN B 108 -6.89 -25.67 2.22
C GLN B 108 -8.17 -26.52 2.08
N GLY B 109 -8.53 -26.87 0.86
CA GLY B 109 -9.58 -27.86 0.62
C GLY B 109 -10.91 -27.35 0.10
N PHE B 110 -11.17 -26.05 0.29
CA PHE B 110 -12.38 -25.37 -0.21
C PHE B 110 -13.67 -25.82 0.48
N LYS B 111 -14.22 -26.97 0.06
CA LYS B 111 -15.44 -27.53 0.63
C LYS B 111 -15.35 -29.05 0.74
N ILE B 112 -16.01 -29.60 1.76
CA ILE B 112 -16.08 -31.05 2.04
C ILE B 112 -16.49 -31.91 0.82
N ASP B 113 -17.40 -31.38 0.01
CA ASP B 113 -17.97 -32.12 -1.12
C ASP B 113 -17.18 -31.98 -2.44
N SER B 114 -16.05 -31.26 -2.40
CA SER B 114 -15.31 -30.89 -3.62
C SER B 114 -14.07 -31.76 -3.90
N GLU B 115 -13.73 -31.79 -5.26
CA GLU B 115 -12.45 -32.43 -5.67
C GLU B 115 -11.23 -31.90 -4.91
N LYS B 116 -11.28 -30.62 -4.52
CA LYS B 116 -10.17 -29.99 -3.78
C LYS B 116 -9.96 -30.60 -2.40
N TYR B 117 -11.05 -31.04 -1.75
CA TYR B 117 -10.93 -31.65 -0.41
C TYR B 117 -10.32 -33.04 -0.53
N GLN B 118 -10.72 -33.77 -1.56
CA GLN B 118 -10.08 -35.03 -1.91
C GLN B 118 -8.60 -34.83 -2.16
N TYR B 119 -8.25 -33.74 -2.85
CA TYR B 119 -6.84 -33.47 -3.11
C TYR B 119 -6.07 -33.20 -1.82
N LYS B 120 -6.69 -32.48 -0.90
CA LYS B 120 -6.13 -32.21 0.43
C LYS B 120 -5.87 -33.52 1.20
N LEU B 121 -6.84 -34.43 1.17
CA LEU B 121 -6.71 -35.74 1.81
C LEU B 121 -5.58 -36.58 1.24
N GLN B 122 -5.44 -36.60 -0.08
CA GLN B 122 -4.36 -37.41 -0.70
C GLN B 122 -3.00 -36.77 -0.53
N TRP B 123 -2.98 -35.44 -0.41
CA TRP B 123 -1.77 -34.68 -0.10
C TRP B 123 -1.25 -35.06 1.29
N LEU B 124 -2.16 -35.10 2.27
CA LEU B 124 -1.82 -35.54 3.63
C LEU B 124 -1.36 -37.00 3.66
N GLU B 125 -2.01 -37.86 2.88
CA GLU B 125 -1.56 -39.25 2.74
C GLU B 125 -0.15 -39.31 2.14
N ARG B 126 0.10 -38.51 1.10
CA ARG B 126 1.41 -38.45 0.47
C ARG B 126 2.49 -37.92 1.40
N LEU B 127 2.16 -36.89 2.18
CA LEU B 127 3.06 -36.33 3.18
C LEU B 127 3.40 -37.34 4.26
N TYR B 128 2.41 -38.13 4.69
CA TYR B 128 2.66 -39.23 5.63
C TYR B 128 3.78 -40.13 5.12
N HIS B 129 3.64 -40.60 3.88
CA HIS B 129 4.62 -41.50 3.27
C HIS B 129 5.98 -40.83 3.05
N TYR B 130 5.95 -39.57 2.62
CA TYR B 130 7.17 -38.77 2.41
C TYR B 130 7.95 -38.59 3.71
N LEU B 131 7.24 -38.24 4.80
CA LEU B 131 7.90 -38.04 6.10
C LEU B 131 8.36 -39.36 6.73
N GLN B 132 7.54 -40.40 6.59
CA GLN B 132 7.88 -41.73 7.09
C GLN B 132 9.18 -42.23 6.46
N LYS B 133 9.34 -41.97 5.17
CA LYS B 133 10.51 -42.38 4.40
C LYS B 133 11.75 -41.54 4.73
N THR B 134 11.56 -40.24 4.93
CA THR B 134 12.70 -39.31 4.92
C THR B 134 13.10 -38.67 6.26
N VAL B 135 12.28 -38.83 7.30
CA VAL B 135 12.60 -38.25 8.60
C VAL B 135 13.16 -39.31 9.56
N ASP B 136 14.34 -39.05 10.11
CA ASP B 136 14.87 -39.88 11.20
C ASP B 136 14.37 -39.31 12.52
N PHE B 137 13.49 -40.04 13.19
CA PHE B 137 12.89 -39.55 14.45
C PHE B 137 13.84 -39.53 15.65
N ARG B 138 15.05 -40.06 15.48
CA ARG B 138 16.14 -39.90 16.43
C ARG B 138 16.90 -38.57 16.24
N SER B 139 16.72 -37.95 15.09
CA SER B 139 17.44 -36.73 14.76
C SER B 139 16.62 -35.51 15.16
N PHE B 140 17.24 -34.34 15.16
CA PHE B 140 16.50 -33.08 15.33
C PHE B 140 15.85 -32.72 14.00
N ALA B 141 14.53 -32.78 13.97
CA ALA B 141 13.75 -32.32 12.81
C ALA B 141 12.53 -31.56 13.28
N VAL B 142 12.20 -30.53 12.51
CA VAL B 142 10.98 -29.75 12.72
C VAL B 142 10.17 -29.70 11.44
N TRP B 143 8.89 -30.03 11.55
CA TRP B 143 7.94 -29.89 10.48
C TRP B 143 7.05 -28.73 10.93
N CYS B 144 7.10 -27.62 10.23
N CYS B 144 7.15 -27.64 10.19
CA CYS B 144 6.21 -26.51 10.54
CA CYS B 144 6.40 -26.39 10.41
C CYS B 144 5.51 -26.03 9.30
C CYS B 144 5.42 -26.14 9.29
N GLY B 145 4.42 -25.29 9.53
CA GLY B 145 3.65 -24.80 8.42
C GLY B 145 2.27 -24.36 8.79
N ASP B 146 1.58 -23.93 7.73
CA ASP B 146 0.15 -23.71 7.82
C ASP B 146 -0.47 -25.01 7.34
N MET B 147 -1.00 -25.77 8.29
CA MET B 147 -1.48 -27.12 8.03
C MET B 147 -2.91 -27.14 7.51
N ASN B 148 -3.59 -26.00 7.63
CA ASN B 148 -5.03 -25.92 7.33
C ASN B 148 -5.82 -27.06 8.00
N VAL B 149 -5.37 -27.46 9.18
CA VAL B 149 -6.05 -28.47 9.99
C VAL B 149 -5.92 -28.05 11.45
N ALA B 150 -7.07 -27.94 12.10
CA ALA B 150 -7.15 -27.75 13.56
C ALA B 150 -7.47 -29.11 14.16
N PRO B 151 -6.46 -29.78 14.77
CA PRO B 151 -6.59 -31.20 15.11
C PRO B 151 -7.59 -31.53 16.22
N GLU B 152 -7.75 -30.64 17.20
CA GLU B 152 -8.61 -30.88 18.36
C GLU B 152 -9.64 -29.76 18.54
N PRO B 153 -10.72 -30.02 19.30
CA PRO B 153 -11.72 -28.97 19.56
C PRO B 153 -11.12 -27.67 20.11
N ILE B 154 -10.09 -27.76 20.94
CA ILE B 154 -9.44 -26.58 21.51
C ILE B 154 -8.86 -25.66 20.42
N ASP B 155 -8.59 -26.22 19.25
CA ASP B 155 -7.95 -25.50 18.12
C ASP B 155 -8.93 -24.64 17.30
N VAL B 156 -10.23 -24.77 17.58
CA VAL B 156 -11.25 -23.95 16.90
C VAL B 156 -12.23 -23.30 17.90
N HIS B 157 -12.77 -22.14 17.51
CA HIS B 157 -13.66 -21.39 18.40
C HIS B 157 -15.03 -22.03 18.59
N SER B 158 -15.54 -22.67 17.54
CA SER B 158 -16.88 -23.28 17.58
C SER B 158 -16.90 -24.69 16.96
N PRO B 159 -16.48 -25.71 17.75
CA PRO B 159 -16.34 -27.07 17.23
C PRO B 159 -17.62 -27.63 16.59
N ASP B 160 -18.77 -27.29 17.17
CA ASP B 160 -20.08 -27.71 16.64
C ASP B 160 -20.37 -27.08 15.28
N LYS B 161 -20.33 -25.75 15.20
CA LYS B 161 -20.57 -25.01 13.95
C LYS B 161 -19.71 -25.49 12.78
N LEU B 162 -18.49 -25.94 13.11
CA LEU B 162 -17.45 -26.14 12.11
C LEU B 162 -17.14 -27.61 11.78
N LYS B 163 -18.05 -28.51 12.15
CA LYS B 163 -17.89 -29.94 11.91
C LYS B 163 -17.64 -30.26 10.44
N ASN B 164 -18.27 -29.49 9.56
CA ASN B 164 -18.19 -29.72 8.13
C ASN B 164 -17.33 -28.68 7.41
N HIS B 165 -16.51 -27.97 8.18
CA HIS B 165 -15.54 -27.05 7.61
C HIS B 165 -14.31 -27.85 7.23
N VAL B 166 -13.67 -27.49 6.12
CA VAL B 166 -12.53 -28.26 5.60
C VAL B 166 -11.32 -28.30 6.53
N PHE B 168 -11.58 -28.45 9.86
CA PHE B 168 -11.97 -29.16 11.09
C PHE B 168 -12.79 -30.45 10.85
N HIS B 169 -12.97 -30.83 9.59
CA HIS B 169 -13.70 -32.06 9.24
C HIS B 169 -12.91 -33.33 9.60
N GLU B 170 -13.61 -34.33 10.11
CA GLU B 170 -12.99 -35.55 10.62
C GLU B 170 -11.96 -36.21 9.69
N ASP B 171 -12.24 -36.23 8.38
CA ASP B 171 -11.34 -36.81 7.39
C ASP B 171 -9.96 -36.14 7.41
N ALA B 172 -9.93 -34.81 7.34
CA ALA B 172 -8.67 -34.05 7.40
C ALA B 172 -7.98 -34.16 8.76
N ARG B 173 -8.75 -34.16 9.85
CA ARG B 173 -8.18 -34.31 11.20
C ARG B 173 -7.46 -35.67 11.38
N ARG B 174 -8.10 -36.76 10.95
CA ARG B 174 -7.48 -38.08 11.08
C ARG B 174 -6.25 -38.25 10.16
N ALA B 175 -6.32 -37.66 8.96
CA ALA B 175 -5.20 -37.68 8.01
C ALA B 175 -4.01 -36.92 8.57
N TYR B 176 -4.29 -35.82 9.25
CA TYR B 176 -3.23 -35.05 9.87
C TYR B 176 -2.67 -35.78 11.08
N LYS B 177 -3.56 -36.33 11.91
CA LYS B 177 -3.14 -37.00 13.13
C LYS B 177 -2.36 -38.27 12.85
N LYS B 178 -2.69 -38.95 11.74
CA LYS B 178 -1.90 -40.08 11.21
C LYS B 178 -0.41 -39.70 11.04
N ILE B 179 -0.15 -38.49 10.55
CA ILE B 179 1.22 -37.99 10.41
C ILE B 179 1.88 -37.75 11.78
N LEU B 180 1.16 -37.09 12.68
CA LEU B 180 1.64 -36.88 14.05
C LEU B 180 2.02 -38.18 14.76
N GLU B 181 1.26 -39.24 14.56
CA GLU B 181 1.53 -40.51 15.24
C GLU B 181 2.82 -41.19 14.74
N LEU B 182 3.48 -40.60 13.74
CA LEU B 182 4.82 -41.04 13.33
C LEU B 182 5.87 -40.70 14.40
N GLY B 183 5.55 -39.70 15.22
CA GLY B 183 6.42 -39.28 16.32
C GLY B 183 6.65 -37.78 16.43
N PHE B 184 5.85 -36.99 15.71
CA PHE B 184 5.95 -35.54 15.77
C PHE B 184 5.20 -35.00 16.99
N VAL B 185 5.84 -34.09 17.72
CA VAL B 185 5.24 -33.52 18.93
C VAL B 185 4.79 -32.11 18.56
N ASP B 186 3.49 -31.84 18.75
CA ASP B 186 2.91 -30.50 18.56
C ASP B 186 3.34 -29.67 19.77
N VAL B 187 4.46 -28.95 19.65
CA VAL B 187 5.08 -28.33 20.84
C VAL B 187 4.20 -27.27 21.51
N LEU B 188 3.30 -26.65 20.75
CA LEU B 188 2.37 -25.68 21.34
C LEU B 188 1.63 -26.34 22.51
N ARG B 189 1.28 -27.62 22.33
CA ARG B 189 0.53 -28.38 23.34
C ARG B 189 1.39 -29.04 24.39
N LYS B 190 2.69 -29.14 24.13
CA LYS B 190 3.63 -29.53 25.18
C LYS B 190 3.64 -28.44 26.26
N ILE B 191 3.73 -27.20 25.81
CA ILE B 191 3.85 -26.03 26.68
C ILE B 191 2.46 -25.55 27.17
N HIS B 192 1.46 -25.58 26.29
CA HIS B 192 0.12 -25.08 26.60
C HIS B 192 -1.00 -26.06 26.22
N PRO B 193 -1.06 -27.23 26.88
CA PRO B 193 -2.00 -28.29 26.47
C PRO B 193 -3.48 -27.91 26.52
N ASN B 194 -3.84 -26.98 27.39
CA ASN B 194 -5.25 -26.69 27.67
C ASN B 194 -5.67 -25.26 27.34
N GLU B 195 -4.74 -24.46 26.84
CA GLU B 195 -4.99 -23.04 26.56
C GLU B 195 -5.63 -22.81 25.20
N ARG B 196 -6.60 -21.91 25.15
CA ARG B 196 -7.16 -21.47 23.87
C ARG B 196 -6.22 -20.40 23.29
N ILE B 197 -5.45 -20.79 22.27
CA ILE B 197 -4.50 -19.95 21.58
C ILE B 197 -4.75 -20.14 20.09
N TYR B 198 -4.86 -19.04 19.36
CA TYR B 198 -5.16 -19.09 17.92
C TYR B 198 -4.06 -18.43 17.10
N THR B 199 -3.89 -18.91 15.88
CA THR B 199 -2.86 -18.39 14.97
C THR B 199 -3.48 -17.77 13.71
N PHE B 200 -4.80 -17.67 13.70
CA PHE B 200 -5.54 -17.09 12.58
C PHE B 200 -6.84 -16.47 13.05
N TYR B 201 -7.09 -15.25 12.59
CA TYR B 201 -8.38 -14.59 12.74
C TYR B 201 -8.74 -14.04 11.37
N ASP B 202 -9.92 -14.42 10.86
CA ASP B 202 -10.33 -14.01 9.52
C ASP B 202 -10.42 -12.49 9.44
N TYR B 203 -9.91 -11.90 8.36
CA TYR B 203 -10.00 -10.44 8.18
C TYR B 203 -11.45 -9.97 8.26
N ARG B 204 -12.36 -10.82 7.81
CA ARG B 204 -13.77 -10.41 7.66
C ARG B 204 -14.55 -10.41 8.97
N VAL B 205 -13.99 -11.00 10.02
CA VAL B 205 -14.72 -11.07 11.28
C VAL B 205 -14.33 -9.90 12.17
N LYS B 206 -15.16 -8.87 12.14
CA LYS B 206 -14.96 -7.68 12.96
C LYS B 206 -14.86 -8.07 14.44
N GLY B 207 -13.77 -7.63 15.11
CA GLY B 207 -13.61 -7.89 16.54
C GLY B 207 -13.22 -9.32 16.88
N ALA B 208 -12.69 -10.04 15.90
CA ALA B 208 -12.46 -11.47 16.06
C ALA B 208 -11.60 -11.81 17.27
N ILE B 209 -10.56 -11.02 17.52
CA ILE B 209 -9.64 -11.31 18.64
C ILE B 209 -10.34 -11.25 19.99
N GLU B 210 -10.99 -10.11 20.28
CA GLU B 210 -11.73 -9.92 21.53
C GLU B 210 -12.78 -11.00 21.71
N ARG B 211 -13.42 -11.38 20.60
CA ARG B 211 -14.55 -12.31 20.61
C ARG B 211 -14.11 -13.77 20.64
N GLY B 212 -12.80 -13.98 20.59
CA GLY B 212 -12.24 -15.33 20.62
C GLY B 212 -12.61 -16.12 19.38
N LEU B 213 -12.77 -15.43 18.26
CA LEU B 213 -13.22 -16.06 17.00
C LEU B 213 -12.03 -16.38 16.10
N GLY B 214 -11.23 -17.33 16.57
CA GLY B 214 -9.98 -17.69 15.90
C GLY B 214 -9.88 -19.17 15.64
N TRP B 215 -8.79 -19.54 14.96
CA TRP B 215 -8.48 -20.91 14.55
C TRP B 215 -7.02 -21.15 14.87
N ARG B 216 -6.65 -22.40 15.16
CA ARG B 216 -5.22 -22.74 15.29
C ARG B 216 -4.88 -23.88 14.33
N GLY B 217 -4.57 -23.51 13.09
CA GLY B 217 -4.25 -24.46 12.01
C GLY B 217 -2.78 -24.41 11.62
N ASP B 218 -2.01 -23.55 12.28
CA ASP B 218 -0.55 -23.46 12.10
C ASP B 218 0.16 -24.22 13.23
N ALA B 219 1.29 -24.84 12.92
CA ALA B 219 1.92 -25.72 13.89
C ALA B 219 3.42 -25.80 13.71
N ILE B 220 4.12 -26.07 14.82
CA ILE B 220 5.53 -26.41 14.81
C ILE B 220 5.62 -27.81 15.43
N LEU B 221 6.03 -28.79 14.64
CA LEU B 221 6.03 -30.20 15.08
C LEU B 221 7.46 -30.66 15.11
N ALA B 222 7.87 -31.18 16.26
CA ALA B 222 9.26 -31.54 16.46
C ALA B 222 9.41 -33.03 16.75
N THR B 223 10.53 -33.61 16.34
CA THR B 223 10.83 -35.00 16.67
C THR B 223 11.02 -35.09 18.19
N PRO B 224 10.80 -36.28 18.79
CA PRO B 224 10.95 -36.40 20.26
C PRO B 224 12.22 -35.77 20.91
N PRO B 225 13.44 -36.01 20.36
CA PRO B 225 14.60 -35.45 21.10
C PRO B 225 14.71 -33.92 21.04
N LEU B 226 14.22 -33.34 19.94
CA LEU B 226 14.11 -31.88 19.85
C LEU B 226 12.98 -31.35 20.74
N ALA B 227 11.83 -32.03 20.69
CA ALA B 227 10.67 -31.67 21.51
C ALA B 227 10.98 -31.67 23.00
N GLU B 228 11.78 -32.65 23.44
CA GLU B 228 12.20 -32.77 24.84
C GLU B 228 12.89 -31.51 25.35
N ARG B 229 13.47 -30.74 24.43
CA ARG B 229 14.22 -29.53 24.76
C ARG B 229 13.39 -28.25 24.63
N CYS B 230 12.16 -28.37 24.17
CA CYS B 230 11.30 -27.20 24.02
C CYS B 230 10.96 -26.59 25.38
N VAL B 231 11.21 -25.28 25.52
CA VAL B 231 11.00 -24.60 26.80
C VAL B 231 9.85 -23.60 26.74
N ASP B 232 9.51 -23.18 25.53
CA ASP B 232 8.45 -22.21 25.34
C ASP B 232 7.88 -22.30 23.93
N CYS B 233 6.62 -21.91 23.79
CA CYS B 233 5.94 -21.87 22.50
C CYS B 233 4.72 -20.99 22.67
N TYR B 234 4.56 -20.02 21.78
CA TYR B 234 3.50 -19.03 21.90
C TYR B 234 3.16 -18.48 20.54
N ALA B 235 1.93 -17.98 20.39
CA ALA B 235 1.57 -17.20 19.21
C ALA B 235 1.67 -15.72 19.52
N ASP B 236 2.29 -14.98 18.61
CA ASP B 236 2.51 -13.56 18.79
C ASP B 236 1.30 -12.78 18.26
N ILE B 237 0.50 -12.23 19.16
CA ILE B 237 -0.72 -11.50 18.75
C ILE B 237 -0.44 -10.10 18.21
N LYS B 238 0.66 -9.50 18.66
CA LYS B 238 0.95 -8.11 18.32
C LYS B 238 0.91 -7.76 16.81
N PRO B 239 1.58 -8.56 15.95
CA PRO B 239 1.51 -8.22 14.53
C PRO B 239 0.11 -8.34 13.90
N ARG B 240 -0.80 -9.08 14.53
CA ARG B 240 -2.18 -9.20 14.03
C ARG B 240 -2.97 -7.90 14.20
N LEU B 241 -2.53 -7.07 15.15
CA LEU B 241 -3.17 -5.78 15.44
C LEU B 241 -2.61 -4.65 14.57
N ALA B 242 -1.49 -4.93 13.90
CA ALA B 242 -0.76 -3.94 13.09
C ALA B 242 -1.55 -3.52 11.86
N GLU B 243 -1.20 -2.35 11.31
CA GLU B 243 -1.78 -1.87 10.05
C GLU B 243 -1.37 -2.80 8.90
N LYS B 244 -2.35 -3.17 8.08
CA LYS B 244 -2.14 -4.11 6.98
C LYS B 244 -1.40 -5.35 7.48
N PRO B 245 -2.06 -6.10 8.38
CA PRO B 245 -1.40 -7.27 8.96
C PRO B 245 -1.67 -8.48 8.09
N SER B 246 -0.94 -9.57 8.32
CA SER B 246 -1.40 -10.87 7.84
C SER B 246 -2.64 -11.26 8.66
N ASP B 247 -3.50 -12.12 8.09
CA ASP B 247 -4.57 -12.72 8.89
C ASP B 247 -4.09 -13.78 9.90
N HIS B 248 -2.89 -14.31 9.67
CA HIS B 248 -2.25 -15.26 10.58
C HIS B 248 -1.25 -14.57 11.52
N LEU B 249 -0.97 -15.26 12.63
CA LEU B 249 0.00 -14.83 13.64
C LEU B 249 1.26 -15.71 13.55
N PRO B 250 2.44 -15.13 13.82
CA PRO B 250 3.66 -15.92 13.95
C PRO B 250 3.49 -16.88 15.13
N LEU B 251 3.81 -18.15 14.91
CA LEU B 251 3.88 -19.13 16.00
C LEU B 251 5.36 -19.37 16.28
N VAL B 252 5.77 -19.29 17.54
CA VAL B 252 7.19 -19.33 17.90
C VAL B 252 7.45 -20.47 18.92
N ALA B 253 8.53 -21.22 18.71
CA ALA B 253 8.96 -22.23 19.68
C ALA B 253 10.42 -21.98 20.02
N VAL B 254 10.75 -22.15 21.31
CA VAL B 254 12.13 -21.99 21.79
C VAL B 254 12.60 -23.32 22.38
N PHE B 255 13.82 -23.73 22.03
CA PHE B 255 14.39 -24.99 22.47
C PHE B 255 15.72 -24.72 23.16
N ASP B 256 15.95 -25.37 24.30
CA ASP B 256 17.19 -25.26 25.05
C ASP B 256 18.22 -26.18 24.40
N VAL B 257 18.78 -25.71 23.29
CA VAL B 257 19.87 -26.38 22.56
C VAL B 257 20.72 -25.33 21.84
#